data_4ZPL
#
_entry.id   4ZPL
#
_cell.length_a   74.990
_cell.length_b   106.520
_cell.length_c   149.350
_cell.angle_alpha   90.00
_cell.angle_beta   90.00
_cell.angle_gamma   90.00
#
_symmetry.space_group_name_H-M   'I 21 21 21'
#
loop_
_entity.id
_entity.type
_entity.pdbx_description
1 polymer 'Protein Pcdhb1'
2 branched beta-D-mannopyranose-(1-4)-2-acetamido-2-deoxy-beta-D-glucopyranose-(1-4)-[alpha-L-fucopyranose-(1-6)]2-acetamido-2-deoxy-beta-D-glucopyranose
3 non-polymer 'CALCIUM ION'
4 water water
#
_entity_poly.entity_id   1
_entity_poly.type   'polypeptide(L)'
_entity_poly.pdbx_seq_one_letter_code
;ATIRYSVAEEMESGSFVANVAKDLGLEVGKLAERGARLVAEGNRLHFRLHRKTGDLFVKEKLDREALCGKSDPCVLHFEI
ILAEPLQSFRVEVRVFDINDNAPVFLNKEPLLKIPESTPLGSRFPLQSAQDLDVGLNGLQNYTLSANTYFHLHTRFRSHG
PKYAELVLDNPLDREAQPEVNLTITAVDGGSPPKSGTANIRVVVLDVNDHVPQFSRLVYRAQVPENSDNGSLVVVVTATD
LDEGTNKQITYSLAENPEAVLRTFLVDPQTGEVRLRGPLDFEMIETYDIDIQATDGGGLSAHSKVLVEVVDVNDHHHHHH
HH
;
_entity_poly.pdbx_strand_id   A
#
# COMPACT_ATOMS: atom_id res chain seq x y z
N ALA A 1 27.62 -47.74 0.26
CA ALA A 1 28.71 -46.82 0.57
C ALA A 1 28.34 -45.92 1.75
N THR A 2 27.18 -45.27 1.65
CA THR A 2 26.70 -44.40 2.72
C THR A 2 25.25 -44.72 3.07
N ILE A 3 24.91 -44.62 4.34
CA ILE A 3 23.56 -44.92 4.79
C ILE A 3 22.79 -43.64 5.12
N ARG A 4 21.54 -43.59 4.69
CA ARG A 4 20.74 -42.38 4.88
C ARG A 4 19.36 -42.65 5.45
N TYR A 5 18.80 -41.66 6.13
CA TYR A 5 17.44 -41.74 6.64
C TYR A 5 16.67 -40.46 6.33
N SER A 6 15.35 -40.50 6.55
CA SER A 6 14.51 -39.33 6.35
C SER A 6 13.68 -39.05 7.60
N VAL A 7 13.66 -37.79 8.03
CA VAL A 7 12.91 -37.41 9.21
C VAL A 7 12.05 -36.18 8.92
N ALA A 8 11.00 -36.00 9.71
CA ALA A 8 10.11 -34.86 9.53
C ALA A 8 10.56 -33.67 10.38
N GLU A 9 10.35 -32.47 9.85
CA GLU A 9 10.76 -31.24 10.53
C GLU A 9 9.96 -30.97 11.78
N GLU A 10 10.61 -30.34 12.76
CA GLU A 10 9.93 -29.79 13.94
C GLU A 10 9.18 -30.83 14.77
N MET A 11 9.71 -32.05 14.82
CA MET A 11 9.16 -33.06 15.70
C MET A 11 9.87 -32.97 17.05
N GLU A 12 9.13 -33.28 18.12
CA GLU A 12 9.65 -33.17 19.48
C GLU A 12 10.97 -33.91 19.68
N SER A 13 11.85 -33.33 20.49
CA SER A 13 13.17 -33.91 20.74
C SER A 13 13.06 -35.21 21.51
N GLY A 14 14.00 -36.13 21.27
CA GLY A 14 14.00 -37.42 21.92
C GLY A 14 13.17 -38.44 21.18
N SER A 15 12.51 -38.00 20.11
CA SER A 15 11.70 -38.89 19.29
C SER A 15 12.59 -39.82 18.47
N PHE A 16 12.02 -40.97 18.10
CA PHE A 16 12.76 -42.01 17.39
C PHE A 16 12.99 -41.64 15.93
N VAL A 17 14.14 -42.09 15.40
CA VAL A 17 14.48 -41.83 14.00
C VAL A 17 14.57 -43.15 13.23
N ALA A 18 15.52 -44.00 13.64
CA ALA A 18 15.74 -45.27 12.97
C ALA A 18 16.49 -46.24 13.87
N ASN A 19 16.56 -47.50 13.46
CA ASN A 19 17.33 -48.49 14.19
C ASN A 19 18.58 -48.86 13.39
N VAL A 20 19.74 -48.63 13.99
CA VAL A 20 21.02 -48.69 13.28
C VAL A 20 21.44 -50.11 12.91
N ALA A 21 21.30 -51.03 13.86
CA ALA A 21 21.79 -52.41 13.72
C ALA A 21 21.35 -53.10 12.45
N LYS A 22 20.12 -52.83 12.01
CA LYS A 22 19.56 -53.46 10.83
C LYS A 22 20.36 -53.15 9.56
N ASP A 23 20.38 -51.88 9.19
CA ASP A 23 21.06 -51.46 7.97
C ASP A 23 22.51 -51.08 8.22
N LEU A 24 23.13 -51.70 9.21
CA LEU A 24 24.55 -51.52 9.46
C LEU A 24 25.32 -52.78 9.10
N GLY A 25 24.61 -53.90 9.01
CA GLY A 25 25.21 -55.19 8.71
C GLY A 25 25.66 -55.88 9.97
N LEU A 26 25.06 -55.51 11.09
CA LEU A 26 25.43 -56.06 12.40
C LEU A 26 24.20 -56.53 13.18
N GLU A 27 24.39 -56.64 14.50
CA GLU A 27 23.30 -56.94 15.43
C GLU A 27 23.42 -56.02 16.63
N VAL A 28 22.36 -55.93 17.43
CA VAL A 28 22.30 -55.03 18.56
C VAL A 28 23.42 -55.27 19.57
N GLY A 29 23.63 -56.54 19.91
CA GLY A 29 24.67 -56.94 20.82
C GLY A 29 26.05 -56.54 20.33
N LYS A 30 26.25 -56.62 19.02
CA LYS A 30 27.50 -56.19 18.40
C LYS A 30 27.67 -54.69 18.56
N LEU A 31 26.59 -53.95 18.42
CA LEU A 31 26.62 -52.50 18.62
C LEU A 31 27.05 -52.16 20.05
N ALA A 32 26.45 -52.86 21.02
CA ALA A 32 26.80 -52.66 22.41
C ALA A 32 28.26 -53.04 22.69
N GLU A 33 28.72 -54.09 22.02
CA GLU A 33 30.04 -54.64 22.26
C GLU A 33 31.17 -53.86 21.59
N ARG A 34 30.97 -53.53 20.31
CA ARG A 34 32.02 -52.88 19.52
C ARG A 34 32.19 -51.40 19.83
N GLY A 35 31.44 -50.91 20.83
CA GLY A 35 31.54 -49.53 21.25
C GLY A 35 31.06 -48.56 20.20
N ALA A 36 29.79 -48.67 19.83
CA ALA A 36 29.20 -47.79 18.82
C ALA A 36 29.13 -46.35 19.33
N ARG A 37 29.90 -45.48 18.70
CA ARG A 37 29.93 -44.08 19.13
C ARG A 37 29.60 -43.12 17.97
N LEU A 38 28.81 -42.09 18.26
CA LEU A 38 28.46 -41.10 17.25
C LEU A 38 29.45 -39.94 17.25
N VAL A 39 30.07 -39.71 16.09
CA VAL A 39 31.01 -38.60 15.95
C VAL A 39 30.77 -37.83 14.64
N ALA A 40 30.70 -36.51 14.76
CA ALA A 40 30.65 -35.62 13.62
C ALA A 40 31.59 -34.46 13.86
N GLU A 41 31.50 -33.42 13.04
CA GLU A 41 32.27 -32.21 13.28
C GLU A 41 31.81 -31.57 14.58
N GLY A 42 32.71 -30.81 15.22
CA GLY A 42 32.45 -30.27 16.54
C GLY A 42 31.21 -29.42 16.69
N ASN A 43 30.86 -28.69 15.64
CA ASN A 43 29.74 -27.75 15.69
C ASN A 43 28.37 -28.41 15.74
N ARG A 44 28.22 -29.52 15.03
CA ARG A 44 26.91 -30.18 14.93
C ARG A 44 26.84 -31.49 15.72
N LEU A 45 25.88 -31.55 16.65
CA LEU A 45 25.63 -32.75 17.44
C LEU A 45 24.12 -32.98 17.54
N HIS A 46 23.48 -33.21 16.40
CA HIS A 46 22.02 -33.18 16.32
C HIS A 46 21.32 -34.46 16.79
N PHE A 47 22.04 -35.58 16.83
CA PHE A 47 21.41 -36.85 17.16
C PHE A 47 22.04 -37.56 18.37
N ARG A 48 21.45 -38.68 18.75
CA ARG A 48 21.93 -39.48 19.86
C ARG A 48 21.67 -40.97 19.61
N LEU A 49 22.64 -41.81 19.92
CA LEU A 49 22.50 -43.25 19.73
C LEU A 49 22.49 -44.02 21.06
N HIS A 50 21.47 -44.84 21.25
CA HIS A 50 21.42 -45.76 22.37
C HIS A 50 22.00 -47.10 21.94
N ARG A 51 23.17 -47.43 22.50
CA ARG A 51 23.92 -48.64 22.13
C ARG A 51 23.14 -49.92 22.42
N LYS A 52 22.71 -50.09 23.66
CA LYS A 52 22.11 -51.34 24.12
C LYS A 52 20.89 -51.75 23.31
N THR A 53 20.26 -50.77 22.65
CA THR A 53 19.07 -51.03 21.84
C THR A 53 19.33 -50.74 20.38
N GLY A 54 20.42 -50.03 20.10
CA GLY A 54 20.75 -49.63 18.75
C GLY A 54 19.76 -48.62 18.22
N ASP A 55 19.21 -47.79 19.12
CA ASP A 55 18.15 -46.87 18.73
C ASP A 55 18.66 -45.45 18.47
N LEU A 56 18.25 -44.87 17.34
CA LEU A 56 18.66 -43.52 16.99
C LEU A 56 17.56 -42.50 17.31
N PHE A 57 17.85 -41.62 18.24
CA PHE A 57 16.92 -40.57 18.63
C PHE A 57 17.45 -39.20 18.20
N VAL A 58 16.54 -38.25 17.98
CA VAL A 58 16.94 -36.89 17.65
C VAL A 58 17.07 -36.07 18.94
N LYS A 59 18.17 -35.36 19.07
CA LYS A 59 18.52 -34.72 20.33
C LYS A 59 17.76 -33.41 20.54
N GLU A 60 17.32 -32.78 19.44
CA GLU A 60 16.69 -31.47 19.53
C GLU A 60 15.59 -31.30 18.48
N LYS A 61 14.69 -30.35 18.74
CA LYS A 61 13.63 -30.04 17.79
C LYS A 61 14.22 -29.42 16.53
N LEU A 62 14.20 -30.18 15.44
CA LEU A 62 14.85 -29.74 14.20
C LEU A 62 14.03 -28.70 13.45
N ASP A 63 14.59 -27.50 13.34
CA ASP A 63 13.95 -26.41 12.59
C ASP A 63 14.63 -26.24 11.25
N ARG A 64 13.95 -26.63 10.18
CA ARG A 64 14.54 -26.65 8.83
C ARG A 64 14.87 -25.24 8.33
N GLU A 65 14.07 -24.26 8.72
CA GLU A 65 14.29 -22.89 8.28
C GLU A 65 15.52 -22.27 8.93
N ALA A 66 16.01 -22.92 9.98
CA ALA A 66 17.21 -22.44 10.68
C ALA A 66 18.45 -23.20 10.21
N LEU A 67 18.31 -24.53 10.11
CA LEU A 67 19.43 -25.38 9.73
C LEU A 67 19.84 -25.17 8.27
N CYS A 68 18.89 -25.34 7.36
CA CYS A 68 19.18 -25.27 5.94
C CYS A 68 18.77 -23.92 5.34
N GLY A 69 17.87 -23.22 6.03
CA GLY A 69 17.42 -21.92 5.56
C GLY A 69 16.48 -22.01 4.37
N LYS A 70 17.02 -21.69 3.20
CA LYS A 70 16.22 -21.69 1.97
C LYS A 70 16.67 -22.78 1.00
N SER A 71 17.36 -23.79 1.51
CA SER A 71 17.87 -24.87 0.67
C SER A 71 16.86 -26.01 0.55
N ASP A 72 16.70 -26.51 -0.67
CA ASP A 72 15.72 -27.55 -0.94
C ASP A 72 16.05 -28.88 -0.24
N PRO A 73 17.29 -29.37 -0.38
CA PRO A 73 17.55 -30.57 0.42
C PRO A 73 18.23 -30.24 1.76
N CYS A 74 17.54 -30.52 2.86
CA CYS A 74 18.10 -30.28 4.18
C CYS A 74 18.70 -31.56 4.76
N VAL A 75 20.02 -31.71 4.63
CA VAL A 75 20.68 -32.94 5.05
C VAL A 75 21.67 -32.70 6.19
N LEU A 76 21.61 -33.57 7.19
CA LEU A 76 22.56 -33.52 8.30
C LEU A 76 23.46 -34.75 8.27
N HIS A 77 24.77 -34.52 8.27
CA HIS A 77 25.75 -35.60 8.19
C HIS A 77 26.38 -35.92 9.54
N PHE A 78 26.65 -37.19 9.77
CA PHE A 78 27.38 -37.64 10.96
C PHE A 78 27.87 -39.06 10.74
N GLU A 79 28.96 -39.43 11.42
CA GLU A 79 29.54 -40.74 11.23
C GLU A 79 29.47 -41.61 12.47
N ILE A 80 29.11 -42.87 12.27
CA ILE A 80 29.11 -43.85 13.35
C ILE A 80 30.44 -44.59 13.36
N ILE A 81 31.20 -44.42 14.45
CA ILE A 81 32.47 -45.12 14.58
C ILE A 81 32.31 -46.36 15.46
N LEU A 82 33.00 -47.42 15.06
CA LEU A 82 33.01 -48.67 15.83
C LEU A 82 34.43 -48.99 16.25
N ALA A 83 34.66 -50.21 16.71
CA ALA A 83 35.99 -50.65 17.12
C ALA A 83 36.10 -52.16 17.13
N GLU A 84 37.29 -52.66 16.81
CA GLU A 84 37.59 -54.08 16.80
C GLU A 84 36.59 -54.90 15.99
N PRO A 85 36.65 -54.79 14.64
CA PRO A 85 37.54 -53.92 13.87
C PRO A 85 37.05 -52.49 13.80
N LEU A 86 37.96 -51.54 13.61
CA LEU A 86 37.60 -50.12 13.60
C LEU A 86 36.96 -49.73 12.27
N GLN A 87 35.63 -49.60 12.27
CA GLN A 87 34.90 -49.19 11.08
C GLN A 87 34.26 -47.82 11.26
N SER A 88 34.17 -47.06 10.18
CA SER A 88 33.49 -45.78 10.19
C SER A 88 32.39 -45.77 9.14
N PHE A 89 31.21 -45.33 9.53
CA PHE A 89 30.06 -45.37 8.63
C PHE A 89 29.43 -43.99 8.44
N ARG A 90 29.37 -43.53 7.19
CA ARG A 90 28.78 -42.25 6.85
C ARG A 90 27.26 -42.31 6.86
N VAL A 91 26.64 -41.47 7.70
CA VAL A 91 25.20 -41.43 7.82
C VAL A 91 24.66 -40.04 7.53
N GLU A 92 23.61 -39.97 6.73
CA GLU A 92 22.98 -38.68 6.41
C GLU A 92 21.47 -38.70 6.59
N VAL A 93 20.96 -37.81 7.43
CA VAL A 93 19.53 -37.72 7.67
C VAL A 93 18.94 -36.48 7.03
N ARG A 94 17.97 -36.66 6.13
CA ARG A 94 17.33 -35.53 5.47
C ARG A 94 16.13 -35.02 6.26
N VAL A 95 16.08 -33.72 6.50
CA VAL A 95 14.95 -33.10 7.17
C VAL A 95 13.94 -32.58 6.16
N PHE A 96 12.83 -33.31 6.02
CA PHE A 96 11.76 -32.89 5.11
C PHE A 96 11.18 -31.55 5.54
N ASP A 97 10.57 -30.84 4.60
CA ASP A 97 9.95 -29.55 4.91
C ASP A 97 8.45 -29.70 5.17
N ILE A 98 7.96 -28.94 6.13
CA ILE A 98 6.53 -28.88 6.41
C ILE A 98 6.02 -27.45 6.27
N ASN A 99 4.71 -27.28 6.26
CA ASN A 99 4.12 -25.96 6.15
C ASN A 99 3.79 -25.37 7.53
N ASP A 100 4.84 -24.95 8.25
CA ASP A 100 4.65 -24.37 9.56
C ASP A 100 4.94 -22.87 9.56
N ASN A 101 5.14 -22.31 8.37
CA ASN A 101 5.33 -20.88 8.20
C ASN A 101 4.37 -20.28 7.19
N ALA A 102 3.65 -19.24 7.59
CA ALA A 102 2.73 -18.54 6.70
C ALA A 102 3.41 -17.31 6.09
N PRO A 103 2.99 -16.92 4.88
CA PRO A 103 3.53 -15.73 4.22
C PRO A 103 3.29 -14.46 5.04
N VAL A 104 4.27 -13.55 5.06
CA VAL A 104 4.14 -12.33 5.84
C VAL A 104 4.71 -11.11 5.11
N PHE A 105 4.16 -9.94 5.40
CA PHE A 105 4.65 -8.69 4.84
C PHE A 105 5.40 -7.90 5.90
N LEU A 106 6.52 -7.28 5.51
CA LEU A 106 7.28 -6.46 6.43
C LEU A 106 6.50 -5.19 6.76
N ASN A 107 5.87 -4.61 5.75
CA ASN A 107 4.94 -3.51 5.96
C ASN A 107 3.50 -4.00 5.94
N LYS A 108 2.91 -4.10 7.13
CA LYS A 108 1.52 -4.50 7.24
C LYS A 108 0.61 -3.37 6.76
N GLU A 109 1.15 -2.16 6.72
CA GLU A 109 0.41 -0.99 6.29
C GLU A 109 1.24 -0.12 5.33
N PRO A 110 1.36 -0.55 4.07
CA PRO A 110 2.07 0.24 3.05
C PRO A 110 1.26 1.46 2.61
N LEU A 111 1.95 2.53 2.23
CA LEU A 111 1.27 3.76 1.82
C LEU A 111 1.59 4.11 0.38
N LEU A 112 0.60 3.95 -0.50
CA LEU A 112 0.77 4.22 -1.92
C LEU A 112 -0.07 5.43 -2.34
N LYS A 113 0.60 6.54 -2.63
CA LYS A 113 -0.11 7.76 -3.00
C LYS A 113 -0.17 7.95 -4.52
N ILE A 114 -1.36 7.78 -5.06
CA ILE A 114 -1.58 7.90 -6.50
C ILE A 114 -2.29 9.20 -6.85
N PRO A 115 -1.71 9.98 -7.77
CA PRO A 115 -2.34 11.23 -8.22
C PRO A 115 -3.69 10.97 -8.88
N GLU A 116 -4.62 11.91 -8.73
CA GLU A 116 -5.96 11.76 -9.29
C GLU A 116 -5.93 11.62 -10.81
N SER A 117 -5.09 12.41 -11.46
CA SER A 117 -4.98 12.38 -12.91
C SER A 117 -4.02 11.29 -13.36
N THR A 118 -4.33 10.05 -13.00
CA THR A 118 -3.50 8.91 -13.38
C THR A 118 -4.12 8.17 -14.56
N PRO A 119 -3.33 7.98 -15.63
CA PRO A 119 -3.78 7.31 -16.86
C PRO A 119 -4.30 5.91 -16.60
N LEU A 120 -5.45 5.60 -17.18
CA LEU A 120 -6.07 4.29 -17.03
C LEU A 120 -5.20 3.20 -17.65
N GLY A 121 -4.88 2.19 -16.85
CA GLY A 121 -4.03 1.11 -17.31
C GLY A 121 -2.67 1.14 -16.64
N SER A 122 -2.43 2.21 -15.88
CA SER A 122 -1.15 2.37 -15.17
C SER A 122 -0.94 1.26 -14.15
N ARG A 123 0.32 0.94 -13.88
CA ARG A 123 0.66 -0.14 -12.98
C ARG A 123 1.52 0.32 -11.81
N PHE A 124 1.24 -0.23 -10.63
CA PHE A 124 1.96 0.14 -9.42
C PHE A 124 2.52 -1.09 -8.72
N PRO A 125 3.86 -1.18 -8.62
CA PRO A 125 4.52 -2.33 -8.00
C PRO A 125 4.28 -2.42 -6.51
N LEU A 126 4.16 -3.65 -6.00
CA LEU A 126 4.00 -3.87 -4.56
C LEU A 126 5.11 -4.75 -4.02
N GLN A 127 5.56 -4.47 -2.81
CA GLN A 127 6.62 -5.27 -2.19
C GLN A 127 6.12 -6.67 -1.92
N SER A 128 6.95 -7.66 -2.25
CA SER A 128 6.57 -9.06 -2.11
C SER A 128 6.57 -9.50 -0.65
N ALA A 129 6.02 -10.67 -0.39
CA ALA A 129 5.95 -11.22 0.96
C ALA A 129 7.08 -12.23 1.19
N GLN A 130 7.09 -12.84 2.36
CA GLN A 130 8.14 -13.78 2.73
C GLN A 130 7.59 -15.06 3.35
N ASP A 131 7.66 -16.15 2.60
CA ASP A 131 7.38 -17.47 3.14
C ASP A 131 8.69 -18.21 3.32
N LEU A 132 9.07 -18.47 4.56
CA LEU A 132 10.38 -19.05 4.88
C LEU A 132 10.48 -20.51 4.45
N ASP A 133 9.35 -21.11 4.09
CA ASP A 133 9.34 -22.49 3.63
C ASP A 133 9.92 -22.60 2.23
N VAL A 134 10.01 -23.82 1.71
CA VAL A 134 10.59 -24.05 0.39
C VAL A 134 9.70 -24.98 -0.44
N GLY A 135 9.61 -24.69 -1.73
CA GLY A 135 8.83 -25.53 -2.64
C GLY A 135 7.36 -25.16 -2.68
N LEU A 136 6.51 -26.17 -2.62
CA LEU A 136 5.07 -25.96 -2.62
C LEU A 136 4.61 -25.36 -1.29
N ASN A 137 5.42 -25.56 -0.25
CA ASN A 137 5.13 -24.98 1.05
C ASN A 137 5.46 -23.49 1.09
N GLY A 138 6.09 -23.00 0.02
CA GLY A 138 6.42 -21.59 -0.10
C GLY A 138 5.40 -20.83 -0.92
N LEU A 139 5.69 -19.55 -1.17
CA LEU A 139 4.81 -18.66 -1.92
C LEU A 139 4.37 -19.25 -3.25
N GLN A 140 3.11 -19.01 -3.61
CA GLN A 140 2.57 -19.53 -4.86
C GLN A 140 1.66 -18.54 -5.58
N ASN A 141 0.90 -17.74 -4.83
CA ASN A 141 -0.06 -16.86 -5.48
C ASN A 141 -0.50 -15.66 -4.65
N TYR A 142 -0.94 -14.61 -5.34
CA TYR A 142 -1.45 -13.40 -4.71
C TYR A 142 -2.91 -13.17 -5.07
N THR A 143 -3.67 -12.55 -4.17
CA THR A 143 -5.04 -12.15 -4.48
C THR A 143 -5.34 -10.75 -3.95
N LEU A 144 -6.22 -10.02 -4.64
CA LEU A 144 -6.62 -8.69 -4.21
C LEU A 144 -8.08 -8.69 -3.75
N SER A 145 -8.36 -7.89 -2.73
CA SER A 145 -9.72 -7.78 -2.20
C SER A 145 -10.69 -7.21 -3.23
N ALA A 146 -11.98 -7.34 -2.97
CA ALA A 146 -13.01 -6.81 -3.86
C ALA A 146 -12.85 -5.31 -4.03
N ASN A 147 -12.86 -4.85 -5.28
CA ASN A 147 -12.58 -3.46 -5.57
C ASN A 147 -13.25 -2.97 -6.85
N THR A 148 -13.49 -1.67 -6.94
CA THR A 148 -14.18 -1.09 -8.08
C THR A 148 -13.23 -0.25 -8.95
N TYR A 149 -11.97 -0.19 -8.55
CA TYR A 149 -10.98 0.60 -9.28
C TYR A 149 -9.85 -0.27 -9.84
N PHE A 150 -9.39 -1.23 -9.05
CA PHE A 150 -8.22 -2.01 -9.42
C PHE A 150 -8.50 -3.48 -9.67
N HIS A 151 -7.54 -4.14 -10.33
CA HIS A 151 -7.47 -5.59 -10.37
C HIS A 151 -5.99 -5.96 -10.28
N LEU A 152 -5.70 -7.11 -9.70
CA LEU A 152 -4.31 -7.49 -9.43
C LEU A 152 -3.71 -8.33 -10.55
N HIS A 153 -2.48 -8.00 -10.92
CA HIS A 153 -1.73 -8.79 -11.89
C HIS A 153 -0.42 -9.26 -11.28
N THR A 154 -0.27 -10.57 -11.15
CA THR A 154 0.90 -11.14 -10.49
C THR A 154 1.96 -11.59 -11.49
N ARG A 155 3.10 -10.91 -11.48
CA ARG A 155 4.20 -11.27 -12.35
C ARG A 155 4.92 -12.52 -11.82
N PHE A 156 4.88 -13.60 -12.59
CA PHE A 156 5.43 -14.88 -12.16
C PHE A 156 6.82 -15.15 -12.69
N ARG A 157 7.54 -16.02 -11.99
CA ARG A 157 8.79 -16.59 -12.46
C ARG A 157 8.57 -18.09 -12.65
N SER A 158 9.64 -18.81 -12.97
CA SER A 158 9.52 -20.26 -13.17
C SER A 158 9.36 -21.00 -11.85
N HIS A 159 10.12 -20.59 -10.84
CA HIS A 159 10.09 -21.25 -9.54
C HIS A 159 8.98 -20.72 -8.64
N GLY A 160 8.87 -19.39 -8.54
CA GLY A 160 7.85 -18.77 -7.71
C GLY A 160 7.49 -17.38 -8.20
N PRO A 161 6.46 -16.78 -7.62
CA PRO A 161 6.02 -15.43 -8.03
C PRO A 161 7.08 -14.36 -7.76
N LYS A 162 7.37 -13.56 -8.78
CA LYS A 162 8.31 -12.46 -8.64
C LYS A 162 7.76 -11.43 -7.65
N TYR A 163 6.68 -10.77 -8.07
CA TYR A 163 5.95 -9.84 -7.20
C TYR A 163 4.57 -9.55 -7.79
N ALA A 164 3.77 -8.76 -7.06
CA ALA A 164 2.45 -8.38 -7.52
C ALA A 164 2.36 -6.87 -7.77
N GLU A 165 1.43 -6.48 -8.63
CA GLU A 165 1.26 -5.07 -8.98
C GLU A 165 -0.20 -4.71 -9.20
N LEU A 166 -0.59 -3.52 -8.74
CA LEU A 166 -1.94 -3.01 -8.96
C LEU A 166 -2.09 -2.46 -10.37
N VAL A 167 -3.15 -2.85 -11.06
CA VAL A 167 -3.45 -2.31 -12.37
C VAL A 167 -4.78 -1.58 -12.35
N LEU A 168 -4.75 -0.30 -12.71
CA LEU A 168 -5.93 0.56 -12.61
C LEU A 168 -6.88 0.35 -13.78
N ASP A 169 -8.13 0.02 -13.46
CA ASP A 169 -9.15 -0.23 -14.49
C ASP A 169 -10.11 0.94 -14.65
N ASN A 170 -10.31 1.72 -13.58
CA ASN A 170 -11.24 2.84 -13.61
C ASN A 170 -10.55 4.17 -13.30
N PRO A 171 -11.02 5.26 -13.91
CA PRO A 171 -10.45 6.58 -13.62
C PRO A 171 -10.62 6.98 -12.16
N LEU A 172 -9.55 7.41 -11.52
CA LEU A 172 -9.60 7.77 -10.11
C LEU A 172 -10.11 9.20 -9.94
N ASP A 173 -11.24 9.33 -9.23
CA ASP A 173 -11.83 10.64 -8.96
C ASP A 173 -11.80 10.91 -7.46
N ARG A 174 -10.97 11.87 -7.06
CA ARG A 174 -10.83 12.20 -5.64
C ARG A 174 -12.14 12.72 -5.04
N GLU A 175 -12.88 13.49 -5.82
CA GLU A 175 -14.13 14.08 -5.35
C GLU A 175 -15.15 13.01 -4.95
N ALA A 176 -15.07 11.84 -5.59
CA ALA A 176 -15.89 10.72 -5.19
C ALA A 176 -15.40 10.19 -3.85
N GLN A 177 -14.32 9.40 -3.88
CA GLN A 177 -13.65 8.98 -2.67
C GLN A 177 -12.17 9.32 -2.74
N PRO A 178 -11.70 10.14 -1.79
CA PRO A 178 -10.32 10.65 -1.77
C PRO A 178 -9.29 9.58 -1.45
N GLU A 179 -9.76 8.44 -0.94
CA GLU A 179 -8.89 7.34 -0.61
C GLU A 179 -9.56 6.00 -0.91
N VAL A 180 -8.79 5.04 -1.39
CA VAL A 180 -9.29 3.69 -1.57
C VAL A 180 -8.37 2.74 -0.80
N ASN A 181 -8.99 1.87 0.00
CA ASN A 181 -8.26 1.04 0.95
C ASN A 181 -8.43 -0.44 0.61
N LEU A 182 -7.33 -1.18 0.61
CA LEU A 182 -7.36 -2.57 0.14
C LEU A 182 -6.57 -3.52 1.03
N THR A 183 -6.80 -4.82 0.84
CA THR A 183 -6.06 -5.85 1.55
C THR A 183 -5.49 -6.88 0.56
N ILE A 184 -4.17 -6.86 0.38
CA ILE A 184 -3.53 -7.85 -0.48
C ILE A 184 -3.30 -9.13 0.31
N THR A 185 -3.55 -10.27 -0.32
CA THR A 185 -3.45 -11.56 0.35
C THR A 185 -2.40 -12.46 -0.32
N ALA A 186 -1.44 -12.91 0.48
CA ALA A 186 -0.39 -13.80 -0.01
C ALA A 186 -0.68 -15.24 0.40
N VAL A 187 -0.74 -16.13 -0.57
CA VAL A 187 -1.10 -17.52 -0.32
C VAL A 187 -0.06 -18.50 -0.88
N ASP A 188 0.34 -19.45 -0.04
CA ASP A 188 1.27 -20.50 -0.44
C ASP A 188 0.53 -21.63 -1.15
N GLY A 189 1.16 -22.80 -1.21
CA GLY A 189 0.58 -23.93 -1.91
C GLY A 189 0.49 -25.20 -1.10
N GLY A 190 0.77 -25.10 0.20
CA GLY A 190 0.68 -26.25 1.08
C GLY A 190 -0.77 -26.68 1.29
N SER A 191 -0.97 -27.77 2.03
CA SER A 191 -2.32 -28.25 2.30
C SER A 191 -2.52 -28.49 3.79
N PRO A 192 -3.35 -27.66 4.44
CA PRO A 192 -4.06 -26.52 3.84
C PRO A 192 -3.17 -25.30 3.64
N PRO A 193 -3.44 -24.50 2.60
CA PRO A 193 -2.66 -23.29 2.30
C PRO A 193 -2.71 -22.29 3.45
N LYS A 194 -1.60 -21.57 3.65
CA LYS A 194 -1.55 -20.56 4.70
C LYS A 194 -1.49 -19.16 4.10
N SER A 195 -2.22 -18.23 4.71
CA SER A 195 -2.36 -16.89 4.14
C SER A 195 -1.66 -15.83 4.98
N GLY A 196 -1.35 -14.71 4.33
CA GLY A 196 -0.76 -13.56 4.98
C GLY A 196 -1.20 -12.28 4.31
N THR A 197 -1.99 -11.48 5.02
CA THR A 197 -2.58 -10.29 4.44
C THR A 197 -1.89 -9.00 4.87
N ALA A 198 -1.81 -8.04 3.95
CA ALA A 198 -1.33 -6.70 4.24
C ALA A 198 -2.38 -5.68 3.82
N ASN A 199 -2.33 -4.49 4.42
CA ASN A 199 -3.35 -3.48 4.17
C ASN A 199 -2.82 -2.22 3.49
N ILE A 200 -3.07 -2.12 2.19
CA ILE A 200 -2.62 -0.97 1.41
C ILE A 200 -3.57 0.21 1.51
N ARG A 201 -3.03 1.39 1.81
CA ARG A 201 -3.81 2.61 1.86
C ARG A 201 -3.47 3.47 0.64
N VAL A 202 -4.41 3.58 -0.29
CA VAL A 202 -4.17 4.34 -1.51
C VAL A 202 -4.77 5.74 -1.41
N VAL A 203 -3.89 6.73 -1.32
CA VAL A 203 -4.30 8.12 -1.20
C VAL A 203 -4.33 8.81 -2.55
N VAL A 204 -5.48 9.41 -2.88
CA VAL A 204 -5.63 10.11 -4.14
C VAL A 204 -5.24 11.58 -4.00
N LEU A 205 -4.24 12.00 -4.76
CA LEU A 205 -3.74 13.37 -4.70
C LEU A 205 -4.64 14.31 -5.50
N ASP A 206 -5.02 15.42 -4.87
CA ASP A 206 -5.91 16.37 -5.51
C ASP A 206 -5.26 17.06 -6.71
N VAL A 207 -5.97 17.05 -7.84
CA VAL A 207 -5.55 17.77 -9.02
C VAL A 207 -6.55 18.90 -9.28
N ASN A 208 -6.07 20.04 -9.76
CA ASN A 208 -6.94 21.16 -10.06
C ASN A 208 -7.80 20.90 -11.30
N ASP A 209 -8.71 19.94 -11.20
CA ASP A 209 -9.58 19.58 -12.31
C ASP A 209 -11.02 20.02 -12.05
N HIS A 210 -11.17 21.17 -11.42
CA HIS A 210 -12.49 21.73 -11.12
C HIS A 210 -12.47 23.25 -11.13
N VAL A 211 -13.04 23.84 -12.16
CA VAL A 211 -13.16 25.29 -12.24
C VAL A 211 -14.13 25.80 -11.18
N PRO A 212 -13.82 26.97 -10.59
CA PRO A 212 -14.71 27.57 -9.59
C PRO A 212 -16.06 27.94 -10.19
N GLN A 213 -17.14 27.74 -9.44
CA GLN A 213 -18.47 28.10 -9.94
C GLN A 213 -19.14 29.14 -9.07
N PHE A 214 -19.56 30.24 -9.68
CA PHE A 214 -20.30 31.28 -8.99
C PHE A 214 -21.69 30.78 -8.60
N SER A 215 -22.23 31.34 -7.53
CA SER A 215 -23.57 31.00 -7.08
C SER A 215 -24.59 31.40 -8.15
N ARG A 216 -24.80 32.70 -8.30
CA ARG A 216 -25.66 33.22 -9.35
C ARG A 216 -24.82 33.73 -10.51
N LEU A 217 -25.27 33.48 -11.74
CA LEU A 217 -24.55 33.95 -12.92
C LEU A 217 -24.71 35.46 -13.06
N VAL A 218 -25.83 35.97 -12.55
CA VAL A 218 -26.09 37.40 -12.60
C VAL A 218 -26.55 37.92 -11.25
N TYR A 219 -25.83 38.92 -10.73
CA TYR A 219 -26.15 39.51 -9.43
C TYR A 219 -26.89 40.83 -9.60
N ARG A 220 -28.17 40.83 -9.24
CA ARG A 220 -28.99 42.05 -9.31
C ARG A 220 -28.76 42.91 -8.08
N ALA A 221 -28.53 44.21 -8.29
CA ALA A 221 -28.26 45.12 -7.19
C ALA A 221 -28.91 46.48 -7.42
N GLN A 222 -29.52 47.04 -6.38
CA GLN A 222 -30.16 48.35 -6.46
C GLN A 222 -29.58 49.27 -5.41
N VAL A 223 -28.65 50.14 -5.81
CA VAL A 223 -27.91 50.98 -4.88
C VAL A 223 -28.30 52.45 -4.97
N PRO A 224 -28.69 53.04 -3.83
CA PRO A 224 -29.01 54.46 -3.72
C PRO A 224 -27.80 55.34 -4.07
N GLU A 225 -28.07 56.41 -4.81
CA GLU A 225 -27.02 57.31 -5.27
C GLU A 225 -26.39 58.11 -4.13
N ASN A 226 -27.13 58.27 -3.05
CA ASN A 226 -26.66 59.04 -1.91
C ASN A 226 -25.94 58.17 -0.88
N SER A 227 -25.59 56.96 -1.28
CA SER A 227 -24.87 56.03 -0.41
C SER A 227 -23.45 56.51 -0.15
N ASP A 228 -22.83 55.97 0.90
CA ASP A 228 -21.51 56.43 1.33
C ASP A 228 -20.37 55.65 0.65
N ASN A 229 -19.15 56.12 0.83
CA ASN A 229 -17.98 55.44 0.29
C ASN A 229 -17.67 54.17 1.08
N GLY A 230 -17.48 53.07 0.37
CA GLY A 230 -17.21 51.80 1.00
C GLY A 230 -18.49 51.07 1.35
N SER A 231 -19.61 51.57 0.84
CA SER A 231 -20.90 50.93 1.03
C SER A 231 -20.93 49.60 0.29
N LEU A 232 -21.59 48.61 0.87
CA LEU A 232 -21.62 47.26 0.31
C LEU A 232 -22.67 47.14 -0.80
N VAL A 233 -22.21 46.96 -2.04
CA VAL A 233 -23.13 46.69 -3.13
C VAL A 233 -23.68 45.28 -2.96
N VAL A 234 -22.82 44.29 -3.18
CA VAL A 234 -23.25 42.89 -3.04
C VAL A 234 -22.15 42.01 -2.47
N VAL A 235 -22.51 40.79 -2.09
CA VAL A 235 -21.53 39.80 -1.65
C VAL A 235 -21.59 38.57 -2.56
N VAL A 236 -20.50 38.33 -3.27
CA VAL A 236 -20.44 37.21 -4.21
C VAL A 236 -19.63 36.06 -3.65
N THR A 237 -20.05 34.84 -3.98
CA THR A 237 -19.39 33.64 -3.47
C THR A 237 -19.04 32.67 -4.60
N ALA A 238 -17.88 32.03 -4.47
CA ALA A 238 -17.44 31.05 -5.46
C ALA A 238 -16.92 29.78 -4.77
N THR A 239 -17.39 28.64 -5.25
CA THR A 239 -17.04 27.36 -4.64
C THR A 239 -16.09 26.54 -5.50
N ASP A 240 -15.20 25.81 -4.84
CA ASP A 240 -14.24 24.94 -5.51
C ASP A 240 -14.21 23.58 -4.83
N LEU A 241 -14.58 22.54 -5.57
CA LEU A 241 -14.70 21.20 -5.00
C LEU A 241 -13.35 20.55 -4.70
N ASP A 242 -12.27 21.17 -5.18
CA ASP A 242 -10.93 20.67 -4.93
C ASP A 242 -10.45 21.03 -3.53
N GLU A 243 -9.16 20.80 -3.27
CA GLU A 243 -8.57 21.11 -1.98
C GLU A 243 -7.19 21.72 -2.13
N GLY A 244 -6.50 21.92 -1.01
CA GLY A 244 -5.16 22.48 -1.01
C GLY A 244 -5.14 23.92 -1.48
N THR A 245 -4.12 24.27 -2.24
CA THR A 245 -4.01 25.61 -2.81
C THR A 245 -4.90 25.75 -4.04
N ASN A 246 -5.34 24.61 -4.56
CA ASN A 246 -6.22 24.58 -5.73
C ASN A 246 -7.68 24.72 -5.35
N LYS A 247 -7.94 25.48 -4.28
CA LYS A 247 -9.30 25.63 -3.78
C LYS A 247 -9.60 27.09 -3.40
N GLN A 248 -8.61 27.78 -2.84
CA GLN A 248 -8.79 29.17 -2.42
C GLN A 248 -9.11 30.06 -3.62
N ILE A 249 -10.08 30.96 -3.42
CA ILE A 249 -10.59 31.80 -4.50
C ILE A 249 -10.06 33.23 -4.43
N THR A 250 -9.66 33.77 -5.57
CA THR A 250 -9.17 35.14 -5.66
C THR A 250 -10.04 35.98 -6.58
N TYR A 251 -10.90 36.81 -6.00
CA TYR A 251 -11.81 37.64 -6.79
C TYR A 251 -11.12 38.88 -7.31
N SER A 252 -11.46 39.29 -8.53
CA SER A 252 -10.84 40.47 -9.13
C SER A 252 -11.71 41.12 -10.21
N LEU A 253 -11.62 42.44 -10.29
CA LEU A 253 -12.23 43.20 -11.38
C LEU A 253 -11.29 43.21 -12.56
N ALA A 254 -11.73 42.68 -13.70
CA ALA A 254 -10.88 42.58 -14.88
C ALA A 254 -11.63 42.89 -16.18
N GLU A 255 -10.94 43.56 -17.10
CA GLU A 255 -11.48 43.92 -18.41
C GLU A 255 -12.81 44.68 -18.31
N ASN A 256 -12.79 45.78 -17.55
CA ASN A 256 -13.98 46.60 -17.35
C ASN A 256 -13.78 48.03 -17.85
N PRO A 257 -14.88 48.69 -18.26
CA PRO A 257 -14.82 50.09 -18.67
C PRO A 257 -14.33 51.00 -17.55
N GLU A 258 -13.84 52.18 -17.90
CA GLU A 258 -13.20 53.10 -16.96
C GLU A 258 -14.07 53.43 -15.74
N ALA A 259 -15.34 53.74 -15.99
CA ALA A 259 -16.27 54.13 -14.93
C ALA A 259 -16.39 53.06 -13.85
N VAL A 260 -16.44 51.80 -14.28
CA VAL A 260 -16.56 50.67 -13.36
C VAL A 260 -15.37 50.57 -12.42
N LEU A 261 -14.17 50.57 -12.99
CA LEU A 261 -12.95 50.48 -12.20
C LEU A 261 -12.72 51.76 -11.40
N ARG A 262 -13.43 52.82 -11.76
CA ARG A 262 -13.27 54.10 -11.08
C ARG A 262 -14.20 54.24 -9.88
N THR A 263 -15.36 53.58 -9.94
CA THR A 263 -16.36 53.74 -8.89
C THR A 263 -16.67 52.45 -8.12
N PHE A 264 -15.95 51.37 -8.42
CA PHE A 264 -16.22 50.10 -7.76
C PHE A 264 -14.96 49.33 -7.40
N LEU A 265 -15.04 48.55 -6.33
CA LEU A 265 -13.96 47.65 -5.95
C LEU A 265 -14.53 46.32 -5.47
N VAL A 266 -13.69 45.30 -5.42
CA VAL A 266 -14.10 43.99 -4.91
C VAL A 266 -13.04 43.43 -3.95
N ASP A 267 -13.50 42.79 -2.88
CA ASP A 267 -12.60 42.17 -1.92
C ASP A 267 -12.16 40.80 -2.43
N PRO A 268 -10.85 40.61 -2.61
CA PRO A 268 -10.26 39.39 -3.18
C PRO A 268 -10.59 38.12 -2.40
N GLN A 269 -10.86 38.26 -1.10
CA GLN A 269 -11.11 37.11 -0.25
C GLN A 269 -12.60 36.87 -0.03
N THR A 270 -13.24 37.81 0.67
CA THR A 270 -14.64 37.66 1.05
C THR A 270 -15.59 37.69 -0.15
N GLY A 271 -15.29 38.57 -1.11
CA GLY A 271 -16.15 38.76 -2.26
C GLY A 271 -17.01 40.00 -2.10
N GLU A 272 -16.62 40.85 -1.15
CA GLU A 272 -17.35 42.08 -0.89
C GLU A 272 -17.23 43.06 -2.04
N VAL A 273 -18.24 43.07 -2.90
CA VAL A 273 -18.34 44.05 -3.98
C VAL A 273 -18.88 45.36 -3.42
N ARG A 274 -17.99 46.35 -3.33
CA ARG A 274 -18.27 47.62 -2.67
C ARG A 274 -17.95 48.84 -3.54
N LEU A 275 -18.23 50.02 -3.00
CA LEU A 275 -17.97 51.29 -3.70
C LEU A 275 -16.60 51.87 -3.36
N ARG A 276 -16.00 52.54 -4.34
CA ARG A 276 -14.79 53.32 -4.11
C ARG A 276 -14.94 54.69 -4.75
N GLY A 277 -16.17 55.02 -5.15
CA GLY A 277 -16.45 56.30 -5.77
C GLY A 277 -17.89 56.73 -5.61
N PRO A 278 -18.17 58.03 -5.84
CA PRO A 278 -19.51 58.61 -5.72
C PRO A 278 -20.48 58.13 -6.81
N LEU A 279 -21.75 58.47 -6.68
CA LEU A 279 -22.77 58.06 -7.64
C LEU A 279 -23.77 59.19 -7.94
N ASP A 280 -24.16 59.31 -9.20
CA ASP A 280 -25.17 60.26 -9.63
C ASP A 280 -26.06 59.65 -10.69
N PHE A 281 -27.35 59.55 -10.38
CA PHE A 281 -28.33 58.89 -11.25
C PHE A 281 -28.38 59.49 -12.65
N GLU A 282 -28.25 60.81 -12.72
CA GLU A 282 -28.30 61.54 -13.98
C GLU A 282 -27.11 61.21 -14.88
N MET A 283 -26.02 60.80 -14.27
CA MET A 283 -24.78 60.53 -15.00
C MET A 283 -24.71 59.09 -15.49
N ILE A 284 -24.82 58.13 -14.57
CA ILE A 284 -24.83 56.72 -14.94
C ILE A 284 -25.99 55.99 -14.26
N GLU A 285 -26.95 55.56 -15.08
CA GLU A 285 -28.12 54.87 -14.55
C GLU A 285 -27.82 53.44 -14.13
N THR A 286 -27.07 52.72 -14.95
CA THR A 286 -26.79 51.31 -14.69
C THR A 286 -25.36 50.91 -15.02
N TYR A 287 -24.74 50.14 -14.12
CA TYR A 287 -23.45 49.52 -14.38
C TYR A 287 -23.61 48.02 -14.59
N ASP A 288 -22.75 47.45 -15.42
CA ASP A 288 -22.68 46.00 -15.55
C ASP A 288 -21.22 45.54 -15.40
N ILE A 289 -20.93 44.85 -14.30
CA ILE A 289 -19.55 44.54 -13.95
C ILE A 289 -19.24 43.04 -14.00
N ASP A 290 -18.27 42.66 -14.82
CA ASP A 290 -17.86 41.26 -14.84
C ASP A 290 -16.69 41.00 -13.88
N ILE A 291 -16.98 40.27 -12.80
CA ILE A 291 -15.97 39.89 -11.83
C ILE A 291 -15.43 38.51 -12.15
N GLN A 292 -14.19 38.27 -11.73
CA GLN A 292 -13.47 37.05 -12.09
C GLN A 292 -12.93 36.35 -10.84
N ALA A 293 -13.39 35.12 -10.63
CA ALA A 293 -12.88 34.27 -9.57
C ALA A 293 -11.74 33.42 -10.09
N THR A 294 -10.54 33.65 -9.55
CA THR A 294 -9.35 32.97 -10.03
C THR A 294 -8.89 31.91 -9.02
N ASP A 295 -8.64 30.70 -9.51
CA ASP A 295 -8.17 29.61 -8.67
C ASP A 295 -6.65 29.66 -8.54
N GLY A 296 -6.12 28.95 -7.56
CA GLY A 296 -4.69 28.90 -7.32
C GLY A 296 -3.92 28.34 -8.50
N GLY A 297 -4.49 27.33 -9.15
CA GLY A 297 -3.89 26.74 -10.33
C GLY A 297 -3.99 27.64 -11.54
N GLY A 298 -4.99 28.52 -11.54
CA GLY A 298 -5.16 29.49 -12.60
C GLY A 298 -6.49 29.39 -13.32
N LEU A 299 -7.33 28.45 -12.90
CA LEU A 299 -8.65 28.29 -13.51
C LEU A 299 -9.61 29.37 -13.05
N SER A 300 -9.99 30.25 -13.97
CA SER A 300 -10.86 31.37 -13.64
C SER A 300 -12.29 31.19 -14.14
N ALA A 301 -13.21 31.90 -13.51
CA ALA A 301 -14.61 31.91 -13.93
C ALA A 301 -15.20 33.31 -13.78
N HIS A 302 -16.03 33.72 -14.73
CA HIS A 302 -16.59 35.07 -14.73
C HIS A 302 -18.05 35.10 -14.29
N SER A 303 -18.47 36.24 -13.76
CA SER A 303 -19.88 36.45 -13.44
C SER A 303 -20.19 37.94 -13.39
N LYS A 304 -21.33 38.34 -13.96
CA LYS A 304 -21.65 39.75 -14.06
C LYS A 304 -22.69 40.19 -13.04
N VAL A 305 -22.36 41.26 -12.32
CA VAL A 305 -23.31 41.90 -11.41
C VAL A 305 -23.89 43.13 -12.11
N LEU A 306 -25.22 43.16 -12.20
CA LEU A 306 -25.93 44.25 -12.85
C LEU A 306 -26.45 45.25 -11.83
N VAL A 307 -25.68 46.31 -11.59
CA VAL A 307 -26.08 47.34 -10.64
C VAL A 307 -26.94 48.39 -11.30
N GLU A 308 -28.00 48.80 -10.62
CA GLU A 308 -28.85 49.89 -11.11
C GLU A 308 -29.08 50.93 -10.02
N VAL A 309 -28.56 52.14 -10.24
CA VAL A 309 -28.71 53.21 -9.27
C VAL A 309 -30.16 53.68 -9.22
N VAL A 310 -30.59 54.13 -8.05
CA VAL A 310 -31.99 54.51 -7.85
C VAL A 310 -32.08 55.95 -7.35
N ASP A 311 -33.24 56.58 -7.59
CA ASP A 311 -33.59 57.92 -7.13
C ASP A 311 -32.91 59.04 -7.92
N VAL A 312 -33.72 60.01 -8.34
CA VAL A 312 -33.23 61.21 -9.00
C VAL A 312 -32.29 61.97 -8.07
N ASN A 313 -31.24 62.57 -8.63
CA ASN A 313 -30.24 63.27 -7.82
C ASN A 313 -30.87 64.39 -6.99
N ASP A 314 -30.79 64.23 -5.67
CA ASP A 314 -31.36 65.17 -4.70
C ASP A 314 -32.88 65.28 -4.81
N HIS A 315 -33.54 64.17 -5.12
CA HIS A 315 -35.00 64.15 -5.14
C HIS A 315 -35.55 64.07 -3.72
N HIS A 316 -34.88 63.31 -2.88
CA HIS A 316 -35.23 63.20 -1.46
C HIS A 316 -33.98 63.18 -0.60
#